data_8TQV
#
_entry.id   8TQV
#
_cell.length_a   64.564
_cell.length_b   84.505
_cell.length_c   124.703
_cell.angle_alpha   90.00
_cell.angle_beta   90.00
_cell.angle_gamma   90.00
#
_symmetry.space_group_name_H-M   'P 2 2 21'
#
loop_
_entity.id
_entity.type
_entity.pdbx_description
1 polymer 'Polyketide synthase Pks13'
2 non-polymer 4-(2-{(4M)-4-[(6M)-6-(2,5-dimethoxyphenyl)pyridin-3-yl]-1H-1,2,3-triazol-1-yl}ethyl)-N-{[1-(methoxymethyl)cyclopropyl]methyl}-N-methylbenzamide
3 non-polymer 'SULFATE ION'
4 water water
#
_entity_poly.entity_id   1
_entity_poly.type   'polypeptide(L)'
_entity_poly.pdbx_seq_one_letter_code
;IDGFVRTLRARPEAGGKVPVFVFHPAGGSTVVYEPLLGRLPADTPMYGFERVEGSIEERAQQYVPKLIEMQGDGPYVLVG
WSLGGVLAYACAIGLRRLGKDVRFVGLIDAVRAGEEIPQTKEEIRKRWDRYAAFAEKTFNVTIPAIPYEQLEELDDEGQV
RFVLDAVSQSGVQIPAGIIEHQRTSYLDNRAIDTAQIQPYDGHVTLYMADRYHDDAIMFEPRYAVRQPDGGWGEYVSDLE
VVPIGGEHIQAIDEPIIAKVGEHMSRALGQIEADR
;
_entity_poly.pdbx_strand_id   A,B
#
loop_
_chem_comp.id
_chem_comp.type
_chem_comp.name
_chem_comp.formula
JS9 non-polymer 4-(2-{(4M)-4-[(6M)-6-(2,5-dimethoxyphenyl)pyridin-3-yl]-1H-1,2,3-triazol-1-yl}ethyl)-N-{[1-(methoxymethyl)cyclopropyl]methyl}-N-methylbenzamide 'C31 H35 N5 O4'
SO4 non-polymer 'SULFATE ION' 'O4 S -2'
#
# COMPACT_ATOMS: atom_id res chain seq x y z
N GLY A 3 -15.26 31.88 18.84
CA GLY A 3 -15.71 30.49 18.89
C GLY A 3 -14.91 29.55 18.00
N PHE A 4 -15.51 28.42 17.65
CA PHE A 4 -14.89 27.43 16.78
C PHE A 4 -15.75 27.12 15.54
N VAL A 5 -16.75 27.98 15.27
CA VAL A 5 -17.63 27.80 14.12
C VAL A 5 -17.31 28.85 13.06
N ARG A 6 -16.98 28.38 11.85
CA ARG A 6 -16.66 29.23 10.72
C ARG A 6 -17.79 29.18 9.68
N THR A 7 -18.36 30.34 9.36
CA THR A 7 -19.35 30.47 8.31
C THR A 7 -18.68 30.46 6.93
N LEU A 8 -19.01 29.45 6.11
CA LEU A 8 -18.50 29.36 4.75
C LEU A 8 -19.58 29.77 3.75
N ARG A 9 -20.84 29.39 4.04
CA ARG A 9 -22.00 30.06 3.48
C ARG A 9 -23.09 30.09 4.54
N ALA A 10 -23.56 31.31 4.86
CA ALA A 10 -24.62 31.51 5.83
C ALA A 10 -25.95 31.01 5.29
N ARG A 11 -26.75 30.42 6.18
CA ARG A 11 -28.11 30.02 5.85
C ARG A 11 -28.99 31.27 5.77
N PRO A 12 -30.08 31.26 4.98
CA PRO A 12 -31.03 32.38 4.97
C PRO A 12 -31.65 32.60 6.35
N GLU A 13 -32.11 33.82 6.60
CA GLU A 13 -32.68 34.19 7.89
C GLU A 13 -33.80 33.21 8.25
N ALA A 14 -34.58 32.82 7.25
CA ALA A 14 -35.60 31.78 7.41
C ALA A 14 -35.69 30.94 6.13
N GLY A 15 -36.07 29.67 6.30
CA GLY A 15 -36.14 28.72 5.20
C GLY A 15 -34.75 28.31 4.72
N GLY A 16 -34.65 28.01 3.42
CA GLY A 16 -33.40 27.58 2.81
C GLY A 16 -33.12 26.09 2.98
N LYS A 17 -32.01 25.64 2.39
CA LYS A 17 -31.64 24.23 2.40
C LYS A 17 -31.04 23.80 3.74
N VAL A 18 -30.91 22.48 3.91
CA VAL A 18 -30.26 21.91 5.08
C VAL A 18 -28.78 22.26 5.05
N PRO A 19 -28.23 22.88 6.13
CA PRO A 19 -26.79 23.17 6.19
C PRO A 19 -25.92 21.92 6.19
N VAL A 20 -24.74 22.03 5.60
CA VAL A 20 -23.73 20.99 5.66
C VAL A 20 -22.68 21.41 6.70
N PHE A 21 -22.48 20.55 7.71
CA PHE A 21 -21.48 20.79 8.74
C PHE A 21 -20.19 20.05 8.41
N VAL A 22 -19.10 20.81 8.25
CA VAL A 22 -17.80 20.25 7.91
C VAL A 22 -16.83 20.45 9.07
N PHE A 23 -15.86 19.52 9.20
CA PHE A 23 -14.95 19.50 10.33
C PHE A 23 -13.50 19.54 9.86
N HIS A 24 -12.66 20.28 10.58
CA HIS A 24 -11.32 20.63 10.12
C HIS A 24 -10.44 19.39 10.02
N PRO A 25 -9.44 19.39 9.10
CA PRO A 25 -8.40 18.36 9.06
C PRO A 25 -7.25 18.72 10.00
N ALA A 26 -6.34 17.76 10.20
CA ALA A 26 -5.16 17.98 11.03
C ALA A 26 -4.26 19.03 10.39
N GLY A 27 -3.99 20.11 11.14
CA GLY A 27 -3.08 21.15 10.70
C GLY A 27 -3.65 22.11 9.67
N GLY A 28 -4.99 22.20 9.57
CA GLY A 28 -5.64 23.08 8.62
C GLY A 28 -7.00 23.56 9.11
N SER A 29 -7.60 24.50 8.37
CA SER A 29 -8.92 25.04 8.69
C SER A 29 -9.96 24.45 7.74
N THR A 30 -11.23 24.82 7.96
CA THR A 30 -12.33 24.33 7.12
C THR A 30 -12.43 25.06 5.79
N VAL A 31 -11.51 26.00 5.54
CA VAL A 31 -11.41 26.64 4.23
C VAL A 31 -11.08 25.62 3.14
N VAL A 32 -10.51 24.48 3.52
CA VAL A 32 -10.24 23.39 2.60
C VAL A 32 -11.49 22.82 1.93
N TYR A 33 -12.68 23.13 2.48
CA TYR A 33 -13.94 22.63 1.92
C TYR A 33 -14.58 23.55 0.88
N GLU A 34 -13.88 24.60 0.46
CA GLU A 34 -14.40 25.52 -0.54
C GLU A 34 -14.61 24.84 -1.90
N PRO A 35 -13.66 24.00 -2.39
CA PRO A 35 -13.91 23.22 -3.61
C PRO A 35 -15.12 22.31 -3.54
N LEU A 36 -15.32 21.64 -2.39
CA LEU A 36 -16.49 20.82 -2.17
C LEU A 36 -17.76 21.68 -2.28
N LEU A 37 -17.78 22.80 -1.55
CA LEU A 37 -18.92 23.71 -1.58
C LEU A 37 -19.26 24.15 -2.99
N GLY A 38 -18.24 24.33 -3.84
CA GLY A 38 -18.45 24.65 -5.24
C GLY A 38 -19.17 23.57 -6.04
N ARG A 39 -19.10 22.31 -5.55
CA ARG A 39 -19.74 21.18 -6.22
C ARG A 39 -21.05 20.75 -5.58
N LEU A 40 -21.51 21.52 -4.58
CA LEU A 40 -22.80 21.28 -3.96
C LEU A 40 -23.83 22.23 -4.56
N PRO A 41 -25.15 21.96 -4.40
CA PRO A 41 -26.17 22.84 -4.99
C PRO A 41 -26.05 24.28 -4.53
N ALA A 42 -26.56 25.20 -5.36
CA ALA A 42 -26.58 26.62 -5.04
C ALA A 42 -27.38 26.88 -3.76
N ASP A 43 -26.90 27.83 -2.95
CA ASP A 43 -27.52 28.23 -1.69
C ASP A 43 -27.51 27.12 -0.64
N THR A 44 -26.58 26.17 -0.77
CA THR A 44 -26.34 25.17 0.27
C THR A 44 -25.54 25.85 1.37
N PRO A 45 -26.10 26.04 2.60
CA PRO A 45 -25.32 26.59 3.71
C PRO A 45 -24.24 25.61 4.12
N MET A 46 -23.12 26.14 4.63
CA MET A 46 -22.06 25.30 5.15
C MET A 46 -21.35 26.03 6.29
N TYR A 47 -21.23 25.34 7.43
CA TYR A 47 -20.51 25.85 8.58
C TYR A 47 -19.40 24.87 8.94
N GLY A 48 -18.20 25.42 9.23
CA GLY A 48 -17.03 24.62 9.53
C GLY A 48 -16.71 24.62 11.02
N PHE A 49 -16.40 23.44 11.56
CA PHE A 49 -16.03 23.30 12.96
C PHE A 49 -14.52 23.18 13.10
N GLU A 50 -13.92 24.18 13.78
CA GLU A 50 -12.48 24.29 13.89
C GLU A 50 -11.96 23.62 15.16
N ARG A 51 -10.64 23.69 15.37
CA ARG A 51 -9.94 22.88 16.35
C ARG A 51 -10.39 23.12 17.79
N VAL A 52 -10.55 22.03 18.53
CA VAL A 52 -10.68 22.06 19.98
C VAL A 52 -9.81 20.93 20.52
N GLU A 53 -9.44 21.03 21.81
CA GLU A 53 -8.48 20.10 22.39
C GLU A 53 -9.16 18.94 23.11
N GLY A 54 -8.38 17.87 23.32
CA GLY A 54 -8.85 16.67 23.99
C GLY A 54 -8.86 15.46 23.07
N SER A 55 -9.35 14.34 23.59
CA SER A 55 -9.58 13.14 22.79
C SER A 55 -10.69 13.41 21.79
N ILE A 56 -10.88 12.47 20.85
CA ILE A 56 -11.93 12.62 19.85
C ILE A 56 -13.28 12.79 20.54
N GLU A 57 -13.56 11.93 21.52
CA GLU A 57 -14.80 11.97 22.28
C GLU A 57 -15.00 13.32 22.96
N GLU A 58 -13.94 13.84 23.60
CA GLU A 58 -13.99 15.12 24.28
C GLU A 58 -14.22 16.29 23.32
N ARG A 59 -13.67 16.18 22.11
CA ARG A 59 -13.89 17.18 21.08
C ARG A 59 -15.36 17.16 20.63
N ALA A 60 -15.90 15.96 20.41
CA ALA A 60 -17.30 15.79 20.06
C ALA A 60 -18.25 16.33 21.13
N GLN A 61 -17.85 16.20 22.41
CA GLN A 61 -18.61 16.74 23.52
C GLN A 61 -18.79 18.25 23.45
N GLN A 62 -17.79 18.94 22.90
CA GLN A 62 -17.83 20.39 22.75
C GLN A 62 -18.62 20.80 21.50
N TYR A 63 -18.45 20.01 20.43
CA TYR A 63 -19.11 20.29 19.16
C TYR A 63 -20.62 20.09 19.20
N VAL A 64 -21.08 18.99 19.83
CA VAL A 64 -22.46 18.55 19.75
C VAL A 64 -23.45 19.57 20.28
N PRO A 65 -23.23 20.19 21.46
CA PRO A 65 -24.09 21.27 21.94
C PRO A 65 -24.25 22.44 20.96
N LYS A 66 -23.15 22.79 20.27
CA LYS A 66 -23.17 23.88 19.31
C LYS A 66 -23.97 23.48 18.06
N LEU A 67 -23.75 22.25 17.59
CA LEU A 67 -24.52 21.69 16.50
C LEU A 67 -26.03 21.79 16.77
N ILE A 68 -26.43 21.42 17.99
CA ILE A 68 -27.83 21.43 18.40
C ILE A 68 -28.38 22.85 18.48
N GLU A 69 -27.61 23.75 19.09
CA GLU A 69 -27.94 25.16 19.15
C GLU A 69 -28.24 25.74 17.76
N MET A 70 -27.50 25.26 16.75
CA MET A 70 -27.60 25.79 15.40
C MET A 70 -28.75 25.16 14.59
N GLN A 71 -28.93 23.84 14.73
CA GLN A 71 -29.83 23.09 13.85
C GLN A 71 -30.99 22.39 14.55
N GLY A 72 -30.93 22.29 15.89
CA GLY A 72 -32.04 21.77 16.68
C GLY A 72 -32.26 20.26 16.50
N ASP A 73 -33.50 19.88 16.13
CA ASP A 73 -33.86 18.48 15.98
C ASP A 73 -33.21 17.83 14.77
N GLY A 74 -32.86 18.65 13.77
CA GLY A 74 -32.25 18.17 12.55
C GLY A 74 -33.00 18.70 11.33
N PRO A 75 -32.77 18.17 10.11
CA PRO A 75 -31.84 17.07 9.90
C PRO A 75 -30.37 17.49 9.94
N TYR A 76 -29.49 16.53 10.26
CA TYR A 76 -28.06 16.76 10.36
C TYR A 76 -27.30 16.13 9.20
N VAL A 77 -26.49 16.95 8.53
CA VAL A 77 -25.56 16.49 7.50
C VAL A 77 -24.15 16.81 7.98
N LEU A 78 -23.35 15.75 8.19
CA LEU A 78 -22.04 15.86 8.81
C LEU A 78 -20.99 15.33 7.85
N VAL A 79 -19.99 16.16 7.52
CA VAL A 79 -19.01 15.83 6.50
C VAL A 79 -17.60 16.17 6.98
N GLY A 80 -16.65 15.28 6.69
CA GLY A 80 -15.27 15.54 7.04
C GLY A 80 -14.26 14.75 6.22
N TRP A 81 -13.16 15.43 5.86
CA TRP A 81 -12.01 14.84 5.21
C TRP A 81 -10.93 14.56 6.25
N SER A 82 -10.33 13.36 6.17
CA SER A 82 -9.19 13.01 7.01
C SER A 82 -9.63 13.02 8.48
N LEU A 83 -8.88 13.72 9.35
CA LEU A 83 -9.30 13.91 10.73
C LEU A 83 -10.75 14.35 10.85
N GLY A 84 -11.17 15.28 9.96
CA GLY A 84 -12.53 15.79 9.95
C GLY A 84 -13.61 14.72 9.87
N GLY A 85 -13.32 13.62 9.15
CA GLY A 85 -14.22 12.50 9.05
C GLY A 85 -14.43 11.79 10.38
N VAL A 86 -13.35 11.62 11.14
CA VAL A 86 -13.40 11.03 12.47
C VAL A 86 -14.21 11.90 13.42
N LEU A 87 -14.03 13.23 13.32
CA LEU A 87 -14.77 14.19 14.12
C LEU A 87 -16.25 14.19 13.77
N ALA A 88 -16.56 14.15 12.47
CA ALA A 88 -17.93 14.09 11.99
C ALA A 88 -18.65 12.84 12.51
N TYR A 89 -17.94 11.70 12.46
CA TYR A 89 -18.46 10.44 12.94
C TYR A 89 -18.77 10.48 14.43
N ALA A 90 -17.82 10.98 15.22
CA ALA A 90 -17.99 11.11 16.66
C ALA A 90 -19.20 11.99 17.00
N CYS A 91 -19.38 13.08 16.23
CA CYS A 91 -20.54 13.94 16.40
C CYS A 91 -21.84 13.23 16.03
N ALA A 92 -21.77 12.35 15.01
CA ALA A 92 -22.92 11.56 14.63
C ALA A 92 -23.38 10.66 15.77
N ILE A 93 -22.41 10.06 16.49
CA ILE A 93 -22.70 9.24 17.65
C ILE A 93 -23.41 10.06 18.73
N GLY A 94 -22.85 11.23 19.04
CA GLY A 94 -23.35 12.09 20.10
C GLY A 94 -24.76 12.62 19.83
N LEU A 95 -25.00 13.06 18.58
CA LEU A 95 -26.30 13.53 18.17
C LEU A 95 -27.35 12.42 18.22
N ARG A 96 -26.94 11.21 17.83
CA ARG A 96 -27.83 10.05 17.81
C ARG A 96 -28.26 9.65 19.22
N ARG A 97 -27.33 9.72 20.18
CA ARG A 97 -27.64 9.43 21.57
C ARG A 97 -28.64 10.41 22.17
N LEU A 98 -28.66 11.64 21.62
CA LEU A 98 -29.58 12.68 22.08
C LEU A 98 -30.86 12.72 21.24
N GLY A 99 -31.08 11.68 20.44
CA GLY A 99 -32.33 11.50 19.72
C GLY A 99 -32.51 12.44 18.52
N LYS A 100 -31.38 12.92 17.96
CA LYS A 100 -31.42 13.85 16.84
C LYS A 100 -31.46 13.09 15.51
N ASP A 101 -31.98 13.76 14.48
CA ASP A 101 -32.15 13.17 13.16
C ASP A 101 -30.89 13.40 12.32
N VAL A 102 -30.00 12.40 12.29
CA VAL A 102 -28.79 12.44 11.49
C VAL A 102 -29.07 11.71 10.18
N ARG A 103 -29.07 12.46 9.07
CA ARG A 103 -29.48 11.94 7.78
C ARG A 103 -28.32 11.61 6.85
N PHE A 104 -27.15 12.21 7.10
CA PHE A 104 -25.99 11.99 6.26
C PHE A 104 -24.69 12.14 7.06
N VAL A 105 -23.81 11.16 6.91
CA VAL A 105 -22.46 11.21 7.44
C VAL A 105 -21.49 10.91 6.29
N GLY A 106 -20.78 11.94 5.82
CA GLY A 106 -19.87 11.82 4.70
C GLY A 106 -18.41 11.81 5.13
N LEU A 107 -17.76 10.65 4.99
CA LEU A 107 -16.35 10.49 5.34
C LEU A 107 -15.53 10.54 4.05
N ILE A 108 -14.77 11.62 3.88
CA ILE A 108 -13.93 11.77 2.70
C ILE A 108 -12.56 11.16 3.01
N ASP A 109 -12.42 9.89 2.59
CA ASP A 109 -11.22 9.09 2.77
C ASP A 109 -10.63 9.09 4.18
N ALA A 110 -11.50 9.13 5.20
CA ALA A 110 -11.07 8.91 6.58
C ALA A 110 -10.93 7.40 6.80
N VAL A 111 -9.74 6.87 6.54
CA VAL A 111 -9.52 5.44 6.44
C VAL A 111 -8.57 4.91 7.53
N ARG A 112 -8.99 3.83 8.20
CA ARG A 112 -8.19 3.19 9.23
C ARG A 112 -6.96 2.50 8.62
N ALA A 113 -5.85 2.52 9.37
CA ALA A 113 -4.69 1.73 9.03
C ALA A 113 -5.11 0.29 8.74
N GLY A 114 -4.55 -0.29 7.67
CA GLY A 114 -4.99 -1.58 7.17
C GLY A 114 -4.57 -2.79 8.00
N GLU A 115 -3.65 -2.57 8.95
CA GLU A 115 -3.21 -3.61 9.87
C GLU A 115 -3.15 -3.06 11.29
N GLU A 116 -3.14 -3.99 12.26
CA GLU A 116 -3.17 -3.66 13.66
C GLU A 116 -1.93 -2.86 14.04
N ILE A 117 -2.12 -1.77 14.79
CA ILE A 117 -1.02 -0.97 15.28
C ILE A 117 -0.62 -1.48 16.65
N PRO A 118 0.63 -2.00 16.83
CA PRO A 118 1.09 -2.42 18.16
C PRO A 118 0.95 -1.32 19.21
N GLN A 119 0.54 -1.71 20.42
CA GLN A 119 0.36 -0.79 21.53
C GLN A 119 1.42 -1.11 22.59
N THR A 120 2.69 -1.00 22.20
CA THR A 120 3.82 -1.32 23.07
C THR A 120 4.73 -0.11 23.28
N LYS A 121 5.60 -0.22 24.29
CA LYS A 121 6.59 0.80 24.59
C LYS A 121 7.52 1.05 23.41
N GLU A 122 7.90 -0.02 22.72
CA GLU A 122 8.83 0.05 21.60
C GLU A 122 8.23 0.79 20.41
N GLU A 123 6.92 0.62 20.18
CA GLU A 123 6.23 1.28 19.09
C GLU A 123 6.15 2.80 19.29
N ILE A 124 6.16 3.24 20.56
CA ILE A 124 6.19 4.65 20.88
C ILE A 124 7.47 5.29 20.36
N ARG A 125 8.60 4.60 20.58
CA ARG A 125 9.90 5.06 20.10
C ARG A 125 9.96 5.10 18.58
N LYS A 126 9.51 4.01 17.93
CA LYS A 126 9.48 3.93 16.48
C LYS A 126 8.61 5.02 15.87
N ARG A 127 7.39 5.18 16.43
CA ARG A 127 6.48 6.24 16.05
C ARG A 127 7.14 7.61 16.04
N TRP A 128 7.82 7.92 17.15
CA TRP A 128 8.52 9.18 17.31
C TRP A 128 9.63 9.34 16.27
N ASP A 129 10.41 8.28 16.07
CA ASP A 129 11.48 8.25 15.09
C ASP A 129 11.00 8.55 13.69
N ARG A 130 9.85 7.98 13.30
CA ARG A 130 9.28 8.22 11.98
C ARG A 130 8.87 9.67 11.79
N TYR A 131 8.27 10.26 12.84
CA TYR A 131 7.88 11.67 12.78
C TYR A 131 9.10 12.58 12.69
N ALA A 132 10.14 12.26 13.45
CA ALA A 132 11.40 13.01 13.40
C ALA A 132 11.99 12.97 12.00
N ALA A 133 11.96 11.80 11.36
CA ALA A 133 12.45 11.63 10.01
C ALA A 133 11.64 12.48 9.02
N PHE A 134 10.32 12.53 9.23
CA PHE A 134 9.45 13.38 8.44
C PHE A 134 9.81 14.86 8.58
N ALA A 135 10.06 15.30 9.82
CA ALA A 135 10.44 16.67 10.10
C ALA A 135 11.77 17.02 9.45
N GLU A 136 12.73 16.08 9.52
CA GLU A 136 14.04 16.25 8.92
C GLU A 136 13.95 16.51 7.42
N LYS A 137 13.15 15.71 6.72
CA LYS A 137 13.00 15.83 5.28
C LYS A 137 12.26 17.13 4.93
N THR A 138 11.23 17.44 5.72
CA THR A 138 10.38 18.60 5.47
C THR A 138 11.13 19.93 5.59
N PHE A 139 12.04 20.01 6.58
CA PHE A 139 12.78 21.22 6.86
C PHE A 139 14.28 21.12 6.58
N ASN A 140 14.71 19.97 6.02
CA ASN A 140 16.10 19.75 5.66
C ASN A 140 17.06 20.01 6.82
N VAL A 141 16.71 19.47 8.00
CA VAL A 141 17.52 19.62 9.20
C VAL A 141 17.77 18.25 9.84
N THR A 142 18.71 18.21 10.79
CA THR A 142 18.99 17.02 11.56
C THR A 142 18.47 17.18 12.98
N ILE A 143 17.46 16.38 13.34
CA ILE A 143 16.94 16.33 14.69
C ILE A 143 17.85 15.40 15.51
N PRO A 144 18.35 15.83 16.69
CA PRO A 144 19.23 14.99 17.49
C PRO A 144 18.49 13.81 18.11
N ALA A 145 19.27 12.83 18.59
CA ALA A 145 18.73 11.68 19.30
C ALA A 145 18.05 12.08 20.61
N ILE A 146 16.83 11.57 20.83
CA ILE A 146 16.12 11.75 22.10
C ILE A 146 16.37 10.53 22.96
N LEU A 151 13.83 7.29 28.83
CA LEU A 151 14.50 8.56 28.51
C LEU A 151 13.52 9.63 28.02
N GLU A 152 12.58 9.25 27.15
CA GLU A 152 11.57 10.16 26.64
C GLU A 152 10.17 9.80 27.13
N GLU A 153 10.04 9.51 28.43
CA GLU A 153 8.72 9.36 29.05
C GLU A 153 8.17 10.73 29.41
N LEU A 154 7.43 11.32 28.47
CA LEU A 154 6.81 12.62 28.66
C LEU A 154 5.64 12.81 27.70
N ASP A 155 4.88 13.89 27.92
CA ASP A 155 3.65 14.22 27.22
C ASP A 155 3.81 14.19 25.70
N ASP A 156 2.71 13.92 24.97
CA ASP A 156 2.67 14.08 23.52
C ASP A 156 3.12 15.49 23.09
N GLU A 157 2.66 16.51 23.83
CA GLU A 157 3.09 17.88 23.64
C GLU A 157 4.61 18.02 23.74
N GLY A 158 5.18 17.37 24.76
CA GLY A 158 6.62 17.38 24.98
C GLY A 158 7.42 16.68 23.88
N GLN A 159 6.85 15.62 23.30
CA GLN A 159 7.50 14.86 22.26
C GLN A 159 7.63 15.66 20.96
N VAL A 160 6.54 16.31 20.55
CA VAL A 160 6.55 17.14 19.35
C VAL A 160 7.39 18.40 19.58
N ARG A 161 7.32 18.93 20.81
CA ARG A 161 8.08 20.12 21.18
C ARG A 161 9.59 19.90 21.06
N PHE A 162 10.06 18.71 21.43
CA PHE A 162 11.45 18.34 21.27
C PHE A 162 11.91 18.46 19.81
N VAL A 163 11.09 17.93 18.90
CA VAL A 163 11.39 17.96 17.47
C VAL A 163 11.41 19.39 16.93
N LEU A 164 10.38 20.17 17.28
CA LEU A 164 10.22 21.53 16.78
C LEU A 164 11.22 22.50 17.40
N ASP A 165 11.57 22.29 18.67
CA ASP A 165 12.63 23.06 19.31
C ASP A 165 13.97 22.79 18.65
N ALA A 166 14.20 21.55 18.24
CA ALA A 166 15.43 21.17 17.55
C ALA A 166 15.54 21.86 16.18
N VAL A 167 14.40 22.02 15.51
CA VAL A 167 14.36 22.69 14.21
C VAL A 167 14.79 24.16 14.37
N SER A 168 14.15 24.88 15.30
CA SER A 168 14.45 26.27 15.53
C SER A 168 15.88 26.52 16.01
N GLN A 169 16.39 25.64 16.88
CA GLN A 169 17.72 25.79 17.45
C GLN A 169 18.82 25.36 16.48
N SER A 170 18.43 24.68 15.39
CA SER A 170 19.35 24.26 14.34
C SER A 170 19.99 25.44 13.60
N GLY A 171 19.28 26.58 13.58
CA GLY A 171 19.73 27.78 12.89
C GLY A 171 18.73 28.26 11.85
N VAL A 172 17.91 27.32 11.34
CA VAL A 172 16.98 27.61 10.26
C VAL A 172 15.78 28.38 10.81
N GLN A 173 15.13 29.15 9.93
CA GLN A 173 14.06 30.05 10.33
C GLN A 173 12.76 29.68 9.60
N ILE A 174 11.95 28.83 10.25
CA ILE A 174 10.66 28.44 9.71
C ILE A 174 9.60 29.40 10.24
N PRO A 175 8.63 29.85 9.40
CA PRO A 175 7.55 30.71 9.88
C PRO A 175 6.78 30.10 11.05
N ALA A 176 6.36 30.94 11.99
CA ALA A 176 5.69 30.50 13.20
C ALA A 176 4.42 29.72 12.91
N GLY A 177 3.65 30.19 11.91
CA GLY A 177 2.42 29.52 11.50
C GLY A 177 2.63 28.09 11.01
N ILE A 178 3.74 27.88 10.29
CA ILE A 178 4.09 26.56 9.78
C ILE A 178 4.45 25.62 10.94
N ILE A 179 5.21 26.15 11.91
CA ILE A 179 5.57 25.40 13.10
C ILE A 179 4.35 25.02 13.94
N GLU A 180 3.45 26.00 14.17
CA GLU A 180 2.25 25.78 14.95
C GLU A 180 1.32 24.75 14.31
N HIS A 181 1.18 24.81 12.98
CA HIS A 181 0.35 23.85 12.27
C HIS A 181 0.96 22.46 12.35
N GLN A 182 2.30 22.40 12.40
CA GLN A 182 3.01 21.15 12.57
C GLN A 182 2.72 20.55 13.96
N ARG A 183 2.68 21.42 14.98
CA ARG A 183 2.42 21.02 16.35
C ARG A 183 1.02 20.43 16.51
N THR A 184 0.00 21.17 16.06
CA THR A 184 -1.38 20.73 16.15
C THR A 184 -1.66 19.51 15.28
N SER A 185 -1.02 19.46 14.10
CA SER A 185 -1.11 18.31 13.21
C SER A 185 -0.72 17.02 13.93
N TYR A 186 0.42 17.08 14.64
CA TYR A 186 0.94 15.95 15.41
C TYR A 186 -0.05 15.52 16.48
N LEU A 187 -0.55 16.50 17.26
CA LEU A 187 -1.46 16.23 18.36
C LEU A 187 -2.79 15.67 17.89
N ASP A 188 -3.28 16.17 16.75
CA ASP A 188 -4.54 15.69 16.19
C ASP A 188 -4.43 14.24 15.73
N ASN A 189 -3.29 13.88 15.13
CA ASN A 189 -3.05 12.51 14.70
C ASN A 189 -2.92 11.54 15.87
N ARG A 190 -2.35 12.02 16.98
CA ARG A 190 -2.30 11.25 18.22
C ARG A 190 -3.70 10.99 18.76
N ALA A 191 -4.57 12.01 18.67
CA ALA A 191 -5.96 11.86 19.08
C ALA A 191 -6.67 10.79 18.26
N ILE A 192 -6.36 10.72 16.96
CA ILE A 192 -6.94 9.71 16.09
C ILE A 192 -6.56 8.31 16.58
N ASP A 193 -5.27 8.09 16.85
CA ASP A 193 -4.77 6.75 17.15
C ASP A 193 -5.18 6.25 18.54
N THR A 194 -5.51 7.17 19.45
CA THR A 194 -6.02 6.83 20.77
C THR A 194 -7.54 6.87 20.85
N ALA A 195 -8.20 7.10 19.70
CA ALA A 195 -9.65 7.14 19.66
C ALA A 195 -10.26 5.80 20.04
N GLN A 196 -11.46 5.84 20.63
CA GLN A 196 -12.23 4.66 20.95
C GLN A 196 -13.52 4.71 20.16
N ILE A 197 -13.49 4.16 18.94
CA ILE A 197 -14.58 4.29 17.99
C ILE A 197 -15.74 3.39 18.39
N GLN A 198 -16.95 3.98 18.44
CA GLN A 198 -18.15 3.27 18.85
C GLN A 198 -19.00 2.90 17.63
N PRO A 199 -19.89 1.90 17.73
CA PRO A 199 -20.80 1.57 16.63
C PRO A 199 -21.78 2.69 16.31
N TYR A 200 -22.26 2.71 15.07
CA TYR A 200 -23.22 3.70 14.60
C TYR A 200 -24.23 3.00 13.70
N ASP A 201 -25.53 3.17 13.99
CA ASP A 201 -26.58 2.47 13.29
C ASP A 201 -27.18 3.23 12.11
N GLY A 202 -26.73 4.47 11.90
CA GLY A 202 -27.20 5.29 10.80
C GLY A 202 -26.44 5.04 9.50
N HIS A 203 -26.83 5.75 8.44
CA HIS A 203 -26.21 5.62 7.13
C HIS A 203 -24.92 6.43 7.10
N VAL A 204 -23.82 5.77 6.70
CA VAL A 204 -22.54 6.41 6.53
C VAL A 204 -22.07 6.23 5.09
N THR A 205 -21.63 7.33 4.48
CA THR A 205 -21.06 7.32 3.14
C THR A 205 -19.55 7.50 3.25
N LEU A 206 -18.79 6.48 2.83
CA LEU A 206 -17.33 6.56 2.78
C LEU A 206 -16.87 6.78 1.34
N TYR A 207 -16.30 7.96 1.08
CA TYR A 207 -15.68 8.27 -0.20
C TYR A 207 -14.24 7.76 -0.18
N MET A 208 -13.99 6.69 -0.94
CA MET A 208 -12.80 5.87 -0.79
C MET A 208 -11.79 6.12 -1.91
N ALA A 209 -10.65 6.72 -1.56
CA ALA A 209 -9.54 6.89 -2.48
C ALA A 209 -8.79 5.56 -2.67
N ASP A 210 -7.83 5.54 -3.60
CA ASP A 210 -7.07 4.33 -3.90
C ASP A 210 -6.03 4.01 -2.83
N ARG A 211 -5.37 5.05 -2.30
CA ARG A 211 -4.28 4.85 -1.37
C ARG A 211 -3.94 6.12 -0.57
N TYR A 212 -3.20 5.93 0.52
CA TYR A 212 -2.62 7.03 1.25
C TYR A 212 -1.39 7.58 0.53
N HIS A 213 -1.15 8.88 0.71
CA HIS A 213 0.04 9.54 0.19
C HIS A 213 1.27 9.10 0.99
N ASP A 214 2.45 9.34 0.43
CA ASP A 214 3.71 8.85 0.96
C ASP A 214 4.03 9.32 2.37
N ASP A 215 3.74 10.59 2.67
CA ASP A 215 4.07 11.16 3.96
C ASP A 215 3.23 10.56 5.09
N ALA A 216 1.98 10.18 4.76
CA ALA A 216 1.13 9.48 5.71
C ALA A 216 1.69 8.10 6.04
N ILE A 217 2.15 7.39 5.00
CA ILE A 217 2.74 6.07 5.17
C ILE A 217 4.08 6.14 5.91
N MET A 218 4.86 7.19 5.63
CA MET A 218 6.10 7.44 6.35
C MET A 218 5.81 7.64 7.84
N PHE A 219 4.76 8.42 8.14
CA PHE A 219 4.33 8.69 9.50
C PHE A 219 3.83 7.43 10.21
N GLU A 220 2.98 6.66 9.51
CA GLU A 220 2.44 5.41 10.03
C GLU A 220 2.46 4.35 8.93
N PRO A 221 3.47 3.44 8.92
CA PRO A 221 3.63 2.45 7.84
C PRO A 221 2.41 1.63 7.46
N ARG A 222 1.51 1.39 8.42
CA ARG A 222 0.35 0.53 8.21
C ARG A 222 -0.79 1.23 7.48
N TYR A 223 -0.60 2.51 7.14
CA TYR A 223 -1.45 3.18 6.17
C TYR A 223 -1.16 2.72 4.73
N ALA A 224 -0.05 2.00 4.54
CA ALA A 224 0.30 1.46 3.23
C ALA A 224 -0.76 0.50 2.70
N VAL A 225 -1.41 -0.24 3.62
CA VAL A 225 -2.49 -1.14 3.28
C VAL A 225 -3.81 -0.54 3.78
N ARG A 226 -4.88 -0.74 3.01
CA ARG A 226 -6.22 -0.35 3.43
C ARG A 226 -7.22 -1.43 3.02
N GLN A 227 -8.22 -1.65 3.89
CA GLN A 227 -9.28 -2.61 3.62
C GLN A 227 -10.33 -1.98 2.71
N PRO A 228 -11.10 -2.78 1.95
CA PRO A 228 -12.16 -2.25 1.10
C PRO A 228 -13.17 -1.31 1.78
N ASP A 229 -13.48 -1.60 3.05
CA ASP A 229 -14.43 -0.82 3.81
C ASP A 229 -13.79 0.29 4.64
N GLY A 230 -12.46 0.38 4.58
CA GLY A 230 -11.71 1.38 5.34
C GLY A 230 -11.73 1.16 6.85
N GLY A 231 -12.09 -0.06 7.27
CA GLY A 231 -12.20 -0.42 8.68
C GLY A 231 -13.56 -0.16 9.32
N TRP A 232 -14.48 0.46 8.57
CA TRP A 232 -15.74 0.94 9.14
C TRP A 232 -16.83 -0.11 9.25
N GLY A 233 -16.76 -1.16 8.43
CA GLY A 233 -17.78 -2.22 8.42
C GLY A 233 -18.04 -2.83 9.79
N GLU A 234 -16.97 -2.99 10.59
CA GLU A 234 -17.05 -3.45 11.96
C GLU A 234 -18.00 -2.60 12.81
N TYR A 235 -17.98 -1.28 12.59
CA TYR A 235 -18.70 -0.31 13.41
C TYR A 235 -20.01 0.18 12.79
N VAL A 236 -20.17 -0.05 11.48
CA VAL A 236 -21.29 0.51 10.74
C VAL A 236 -21.93 -0.57 9.86
N SER A 237 -23.16 -0.97 10.21
CA SER A 237 -23.87 -1.99 9.46
C SER A 237 -24.48 -1.43 8.17
N ASP A 238 -24.73 -0.12 8.14
CA ASP A 238 -25.28 0.55 6.98
C ASP A 238 -24.22 1.46 6.36
N LEU A 239 -23.32 0.85 5.58
CA LEU A 239 -22.16 1.54 5.01
C LEU A 239 -22.22 1.55 3.48
N GLU A 240 -22.00 2.73 2.90
CA GLU A 240 -21.93 2.91 1.46
C GLU A 240 -20.53 3.39 1.08
N VAL A 241 -19.80 2.54 0.33
CA VAL A 241 -18.45 2.87 -0.12
C VAL A 241 -18.50 3.37 -1.57
N VAL A 242 -18.05 4.61 -1.77
CA VAL A 242 -18.02 5.24 -3.08
C VAL A 242 -16.57 5.42 -3.52
N PRO A 243 -16.09 4.70 -4.56
CA PRO A 243 -14.73 4.89 -5.07
C PRO A 243 -14.56 6.27 -5.71
N ILE A 244 -13.46 6.96 -5.35
CA ILE A 244 -13.12 8.24 -5.95
C ILE A 244 -11.71 8.27 -6.55
N GLY A 245 -10.94 7.19 -6.35
CA GLY A 245 -9.60 7.09 -6.88
C GLY A 245 -8.60 8.03 -6.21
N GLY A 246 -7.38 8.07 -6.76
CA GLY A 246 -6.36 9.03 -6.34
C GLY A 246 -5.76 8.77 -4.97
N GLU A 247 -5.03 9.77 -4.47
CA GLU A 247 -4.41 9.70 -3.15
C GLU A 247 -5.22 10.49 -2.12
N HIS A 248 -5.04 10.12 -0.84
CA HIS A 248 -5.76 10.71 0.28
C HIS A 248 -5.68 12.23 0.24
N ILE A 249 -4.46 12.75 0.03
CA ILE A 249 -4.21 14.18 0.03
C ILE A 249 -4.93 14.92 -1.09
N GLN A 250 -5.18 14.23 -2.21
CA GLN A 250 -5.84 14.81 -3.36
C GLN A 250 -7.37 14.76 -3.31
N ALA A 251 -7.92 14.02 -2.35
CA ALA A 251 -9.36 13.77 -2.28
C ALA A 251 -10.20 15.03 -2.04
N ILE A 252 -9.59 16.03 -1.39
CA ILE A 252 -10.28 17.25 -1.01
C ILE A 252 -10.32 18.31 -2.11
N ASP A 253 -9.48 18.15 -3.15
CA ASP A 253 -9.35 19.14 -4.22
C ASP A 253 -9.94 18.67 -5.55
N GLU A 254 -10.03 19.60 -6.51
CA GLU A 254 -10.33 19.28 -7.89
C GLU A 254 -9.17 18.48 -8.48
N PRO A 255 -9.41 17.50 -9.40
CA PRO A 255 -10.75 17.17 -9.87
C PRO A 255 -11.52 16.13 -9.06
N ILE A 256 -10.84 15.47 -8.10
CA ILE A 256 -11.42 14.34 -7.38
C ILE A 256 -12.67 14.73 -6.59
N ILE A 257 -12.70 15.97 -6.07
CA ILE A 257 -13.81 16.43 -5.25
C ILE A 257 -15.12 16.54 -6.05
N ALA A 258 -15.02 16.59 -7.39
CA ALA A 258 -16.18 16.57 -8.26
C ALA A 258 -17.03 15.31 -8.07
N LYS A 259 -16.35 14.15 -7.95
CA LYS A 259 -17.02 12.88 -7.73
C LYS A 259 -17.74 12.86 -6.37
N VAL A 260 -17.09 13.43 -5.35
CA VAL A 260 -17.67 13.53 -4.03
C VAL A 260 -18.92 14.42 -4.06
N GLY A 261 -18.76 15.60 -4.67
CA GLY A 261 -19.83 16.59 -4.73
C GLY A 261 -21.04 16.16 -5.55
N GLU A 262 -20.80 15.38 -6.63
CA GLU A 262 -21.89 14.88 -7.47
C GLU A 262 -22.75 13.90 -6.68
N HIS A 263 -22.09 12.96 -6.00
CA HIS A 263 -22.79 11.97 -5.20
C HIS A 263 -23.51 12.63 -4.02
N MET A 264 -22.82 13.57 -3.37
CA MET A 264 -23.34 14.21 -2.17
C MET A 264 -24.53 15.10 -2.51
N SER A 265 -24.50 15.74 -3.69
CA SER A 265 -25.60 16.57 -4.15
C SER A 265 -26.90 15.78 -4.31
N ARG A 266 -26.81 14.55 -4.82
CA ARG A 266 -27.97 13.67 -4.94
C ARG A 266 -28.51 13.29 -3.57
N ALA A 267 -27.61 13.01 -2.62
CA ALA A 267 -28.00 12.68 -1.26
C ALA A 267 -28.74 13.84 -0.61
N LEU A 268 -28.22 15.06 -0.78
CA LEU A 268 -28.85 16.26 -0.26
C LEU A 268 -30.21 16.50 -0.91
N GLY A 269 -30.32 16.22 -2.22
CA GLY A 269 -31.58 16.31 -2.94
C GLY A 269 -32.69 15.47 -2.30
N GLN A 270 -32.34 14.21 -1.96
CA GLN A 270 -33.27 13.29 -1.32
C GLN A 270 -33.72 13.81 0.05
N ILE A 271 -32.78 14.38 0.80
CA ILE A 271 -33.06 14.92 2.12
C ILE A 271 -34.05 16.09 2.05
N GLU A 272 -33.88 16.97 1.05
CA GLU A 272 -34.77 18.10 0.85
C GLU A 272 -36.22 17.69 0.57
N ALA A 273 -36.40 16.54 -0.07
CA ALA A 273 -37.73 16.03 -0.40
C ALA A 273 -38.50 15.49 0.81
N ASP A 274 -37.77 15.24 1.91
CA ASP A 274 -38.40 14.94 3.20
C ASP A 274 -38.19 16.11 4.16
N ARG A 275 -38.28 17.34 3.65
CA ARG A 275 -37.97 18.57 4.36
C ARG A 275 -36.45 18.68 4.69
N ILE B 1 20.97 -32.13 -5.43
CA ILE B 1 20.91 -31.11 -6.50
C ILE B 1 22.24 -31.07 -7.25
N ASP B 2 22.16 -30.77 -8.56
CA ASP B 2 23.33 -30.75 -9.43
C ASP B 2 24.27 -29.61 -9.03
N GLY B 3 23.74 -28.38 -9.10
CA GLY B 3 24.46 -27.19 -8.64
C GLY B 3 23.45 -26.13 -8.23
N PHE B 4 22.88 -25.44 -9.22
CA PHE B 4 21.69 -24.63 -9.02
C PHE B 4 20.54 -25.06 -9.93
N VAL B 5 20.67 -26.24 -10.56
CA VAL B 5 19.63 -26.77 -11.44
C VAL B 5 18.92 -27.94 -10.76
N ARG B 6 17.60 -27.82 -10.62
CA ARG B 6 16.75 -28.84 -10.03
C ARG B 6 15.89 -29.52 -11.09
N THR B 7 16.03 -30.84 -11.21
CA THR B 7 15.21 -31.64 -12.13
C THR B 7 13.84 -31.88 -11.53
N LEU B 8 12.80 -31.37 -12.20
CA LEU B 8 11.41 -31.59 -11.78
C LEU B 8 10.76 -32.65 -12.65
N ARG B 9 11.06 -32.62 -13.96
CA ARG B 9 10.89 -33.78 -14.82
C ARG B 9 12.04 -33.82 -15.82
N ALA B 10 12.77 -34.95 -15.83
CA ALA B 10 13.90 -35.14 -16.72
C ALA B 10 13.43 -35.29 -18.16
N ARG B 11 14.20 -34.72 -19.10
CA ARG B 11 13.97 -34.90 -20.52
C ARG B 11 14.45 -36.31 -20.90
N PRO B 12 13.91 -36.93 -21.99
CA PRO B 12 14.44 -38.20 -22.48
C PRO B 12 15.90 -38.07 -22.90
N GLU B 13 16.62 -39.20 -22.91
CA GLU B 13 18.04 -39.22 -23.23
C GLU B 13 18.28 -38.52 -24.57
N ALA B 14 17.37 -38.74 -25.52
CA ALA B 14 17.38 -38.05 -26.80
C ALA B 14 15.95 -37.77 -27.26
N GLY B 15 15.76 -36.70 -28.02
CA GLY B 15 14.45 -36.31 -28.51
C GLY B 15 13.58 -35.74 -27.40
N GLY B 16 12.26 -35.96 -27.51
CA GLY B 16 11.31 -35.50 -26.52
C GLY B 16 10.88 -34.05 -26.74
N LYS B 17 10.01 -33.56 -25.86
CA LYS B 17 9.45 -32.22 -25.96
C LYS B 17 10.44 -31.16 -25.49
N VAL B 18 10.13 -29.90 -25.80
CA VAL B 18 10.96 -28.77 -25.40
C VAL B 18 10.86 -28.62 -23.89
N PRO B 19 11.99 -28.61 -23.14
CA PRO B 19 11.94 -28.39 -21.69
C PRO B 19 11.44 -26.99 -21.34
N VAL B 20 10.74 -26.90 -20.19
CA VAL B 20 10.34 -25.63 -19.62
C VAL B 20 11.32 -25.30 -18.49
N PHE B 21 11.98 -24.14 -18.60
CA PHE B 21 12.90 -23.68 -17.57
C PHE B 21 12.17 -22.71 -16.64
N VAL B 22 12.12 -23.07 -15.35
CA VAL B 22 11.45 -22.26 -14.34
C VAL B 22 12.49 -21.72 -13.36
N PHE B 23 12.20 -20.55 -12.79
CA PHE B 23 13.14 -19.84 -11.94
C PHE B 23 12.51 -19.56 -10.59
N HIS B 24 13.31 -19.69 -9.52
CA HIS B 24 12.81 -19.72 -8.16
C HIS B 24 12.22 -18.36 -7.78
N PRO B 25 11.23 -18.34 -6.86
CA PRO B 25 10.74 -17.09 -6.26
C PRO B 25 11.60 -16.68 -5.06
N ALA B 26 11.36 -15.46 -4.56
CA ALA B 26 12.05 -14.98 -3.38
C ALA B 26 11.66 -15.80 -2.16
N GLY B 27 12.65 -16.43 -1.53
CA GLY B 27 12.43 -17.21 -0.30
C GLY B 27 11.79 -18.58 -0.51
N GLY B 28 11.95 -19.14 -1.72
CA GLY B 28 11.42 -20.46 -2.03
C GLY B 28 12.26 -21.16 -3.10
N SER B 29 11.95 -22.46 -3.31
CA SER B 29 12.60 -23.24 -4.34
C SER B 29 11.65 -23.41 -5.53
N THR B 30 12.11 -24.07 -6.58
CA THR B 30 11.31 -24.30 -7.78
C THR B 30 10.30 -25.44 -7.61
N VAL B 31 10.25 -26.05 -6.41
CA VAL B 31 9.22 -27.02 -6.08
C VAL B 31 7.83 -26.38 -6.13
N VAL B 32 7.76 -25.06 -6.01
CA VAL B 32 6.51 -24.33 -6.13
C VAL B 32 5.85 -24.47 -7.50
N TYR B 33 6.62 -24.94 -8.51
CA TYR B 33 6.09 -25.12 -9.85
C TYR B 33 5.49 -26.50 -10.13
N GLU B 34 5.36 -27.33 -9.10
CA GLU B 34 4.75 -28.65 -9.25
C GLU B 34 3.28 -28.57 -9.69
N PRO B 35 2.44 -27.69 -9.09
CA PRO B 35 1.09 -27.48 -9.60
C PRO B 35 1.02 -27.06 -11.06
N LEU B 36 1.90 -26.14 -11.48
CA LEU B 36 1.98 -25.74 -12.87
C LEU B 36 2.30 -26.94 -13.75
N LEU B 37 3.34 -27.69 -13.39
CA LEU B 37 3.75 -28.87 -14.13
C LEU B 37 2.59 -29.87 -14.29
N GLY B 38 1.74 -29.97 -13.27
CA GLY B 38 0.54 -30.78 -13.34
C GLY B 38 -0.47 -30.35 -14.39
N ARG B 39 -0.43 -29.06 -14.78
CA ARG B 39 -1.33 -28.50 -15.77
C ARG B 39 -0.70 -28.35 -17.15
N LEU B 40 0.52 -28.84 -17.32
CA LEU B 40 1.20 -28.82 -18.60
C LEU B 40 1.08 -30.20 -19.24
N PRO B 41 1.31 -30.34 -20.57
CA PRO B 41 1.17 -31.63 -21.24
C PRO B 41 2.05 -32.71 -20.63
N ALA B 42 1.64 -33.97 -20.78
CA ALA B 42 2.39 -35.11 -20.30
C ALA B 42 3.76 -35.18 -20.97
N ASP B 43 4.77 -35.59 -20.19
CA ASP B 43 6.15 -35.71 -20.66
C ASP B 43 6.79 -34.37 -21.03
N THR B 44 6.25 -33.27 -20.50
CA THR B 44 6.89 -31.97 -20.63
C THR B 44 8.05 -31.93 -19.64
N PRO B 45 9.33 -31.87 -20.09
CA PRO B 45 10.45 -31.75 -19.15
C PRO B 45 10.40 -30.39 -18.47
N MET B 46 10.89 -30.31 -17.23
CA MET B 46 10.98 -29.04 -16.54
C MET B 46 12.19 -29.07 -15.61
N TYR B 47 13.04 -28.04 -15.73
CA TYR B 47 14.18 -27.87 -14.86
C TYR B 47 14.07 -26.51 -14.16
N GLY B 48 14.37 -26.51 -12.86
CA GLY B 48 14.26 -25.30 -12.06
C GLY B 48 15.63 -24.70 -11.75
N PHE B 49 15.73 -23.38 -11.89
CA PHE B 49 16.96 -22.66 -11.58
C PHE B 49 16.85 -22.02 -10.21
N GLU B 50 17.73 -22.45 -9.30
CA GLU B 50 17.69 -22.04 -7.91
C GLU B 50 18.60 -20.85 -7.67
N ARG B 51 18.64 -20.39 -6.42
CA ARG B 51 19.23 -19.10 -6.07
C ARG B 51 20.71 -18.98 -6.37
N VAL B 52 21.09 -17.82 -6.91
CA VAL B 52 22.49 -17.41 -7.01
C VAL B 52 22.53 -15.95 -6.59
N GLU B 53 23.71 -15.46 -6.20
CA GLU B 53 23.84 -14.14 -5.61
C GLU B 53 24.24 -13.09 -6.65
N GLY B 54 23.98 -11.82 -6.29
CA GLY B 54 24.29 -10.68 -7.14
C GLY B 54 23.03 -9.93 -7.59
N SER B 55 23.23 -8.93 -8.44
CA SER B 55 22.12 -8.24 -9.09
C SER B 55 21.41 -9.19 -10.04
N ILE B 56 20.25 -8.76 -10.57
CA ILE B 56 19.51 -9.56 -11.51
C ILE B 56 20.39 -9.93 -12.71
N GLU B 57 21.07 -8.92 -13.25
CA GLU B 57 21.97 -9.11 -14.39
C GLU B 57 23.06 -10.13 -14.09
N GLU B 58 23.69 -10.00 -12.92
CA GLU B 58 24.74 -10.92 -12.50
C GLU B 58 24.24 -12.35 -12.30
N ARG B 59 22.99 -12.49 -11.85
CA ARG B 59 22.37 -13.80 -11.71
C ARG B 59 22.14 -14.43 -13.09
N ALA B 60 21.61 -13.63 -14.03
CA ALA B 60 21.42 -14.05 -15.40
C ALA B 60 22.74 -14.46 -16.09
N GLN B 61 23.84 -13.78 -15.73
CA GLN B 61 25.16 -14.12 -16.24
C GLN B 61 25.60 -15.53 -15.87
N GLN B 62 25.18 -16.00 -14.69
CA GLN B 62 25.49 -17.33 -14.22
C GLN B 62 24.55 -18.38 -14.82
N TYR B 63 23.27 -18.00 -14.96
CA TYR B 63 22.25 -18.90 -15.50
C TYR B 63 22.43 -19.20 -16.99
N VAL B 64 22.74 -18.17 -17.78
CA VAL B 64 22.71 -18.27 -19.24
C VAL B 64 23.67 -19.32 -19.79
N PRO B 65 24.95 -19.39 -19.34
CA PRO B 65 25.86 -20.46 -19.75
C PRO B 65 25.32 -21.87 -19.49
N LYS B 66 24.66 -22.05 -18.34
CA LYS B 66 24.08 -23.34 -17.97
C LYS B 66 22.90 -23.68 -18.88
N LEU B 67 22.04 -22.69 -19.13
CA LEU B 67 20.94 -22.83 -20.06
C LEU B 67 21.42 -23.32 -21.43
N ILE B 68 22.50 -22.71 -21.93
CA ILE B 68 23.07 -23.05 -23.23
C ILE B 68 23.66 -24.46 -23.23
N GLU B 69 24.42 -24.78 -22.18
CA GLU B 69 24.95 -26.12 -21.97
C GLU B 69 23.86 -27.20 -22.05
N MET B 70 22.67 -26.87 -21.54
CA MET B 70 21.57 -27.82 -21.47
C MET B 70 20.78 -27.93 -22.77
N GLN B 71 20.50 -26.78 -23.41
CA GLN B 71 19.56 -26.72 -24.52
C GLN B 71 20.15 -26.24 -25.85
N GLY B 72 21.36 -25.68 -25.81
CA GLY B 72 22.07 -25.32 -27.03
C GLY B 72 21.48 -24.13 -27.77
N ASP B 73 21.17 -24.33 -29.06
CA ASP B 73 20.63 -23.27 -29.90
C ASP B 73 19.20 -22.89 -29.53
N GLY B 74 18.48 -23.83 -28.91
CA GLY B 74 17.09 -23.63 -28.53
C GLY B 74 16.21 -24.76 -29.07
N PRO B 75 14.87 -24.64 -29.07
CA PRO B 75 14.20 -23.43 -28.58
C PRO B 75 14.17 -23.31 -27.05
N TYR B 76 14.05 -22.06 -26.57
CA TYR B 76 14.03 -21.77 -25.15
C TYR B 76 12.64 -21.36 -24.68
N VAL B 77 12.15 -22.04 -23.64
CA VAL B 77 10.92 -21.69 -22.95
C VAL B 77 11.29 -21.33 -21.51
N LEU B 78 11.05 -20.06 -21.15
CA LEU B 78 11.48 -19.50 -19.87
C LEU B 78 10.26 -19.01 -19.10
N VAL B 79 10.09 -19.52 -17.87
CA VAL B 79 8.91 -19.26 -17.08
C VAL B 79 9.28 -18.92 -15.64
N GLY B 80 8.58 -17.94 -15.06
CA GLY B 80 8.81 -17.59 -13.67
C GLY B 80 7.67 -16.82 -13.02
N TRP B 81 7.41 -17.17 -11.75
CA TRP B 81 6.48 -16.46 -10.90
C TRP B 81 7.25 -15.50 -9.99
N SER B 82 6.73 -14.27 -9.87
CA SER B 82 7.26 -13.29 -8.93
C SER B 82 8.70 -12.96 -9.35
N LEU B 83 9.65 -13.02 -8.40
CA LEU B 83 11.07 -12.89 -8.72
C LEU B 83 11.49 -13.74 -9.92
N GLY B 84 11.00 -14.98 -9.96
CA GLY B 84 11.31 -15.90 -11.04
C GLY B 84 11.03 -15.36 -12.45
N GLY B 85 9.98 -14.54 -12.57
CA GLY B 85 9.64 -13.90 -13.83
C GLY B 85 10.70 -12.89 -14.27
N VAL B 86 11.23 -12.13 -13.31
CA VAL B 86 12.28 -11.16 -13.57
C VAL B 86 13.56 -11.87 -14.01
N LEU B 87 13.87 -13.00 -13.35
CA LEU B 87 15.01 -13.82 -13.70
C LEU B 87 14.89 -14.44 -15.08
N ALA B 88 13.69 -14.95 -15.39
CA ALA B 88 13.39 -15.53 -16.70
C ALA B 88 13.57 -14.49 -17.81
N TYR B 89 13.06 -13.28 -17.57
CA TYR B 89 13.19 -12.17 -18.51
C TYR B 89 14.65 -11.81 -18.77
N ALA B 90 15.42 -11.65 -17.68
CA ALA B 90 16.84 -11.33 -17.79
C ALA B 90 17.60 -12.39 -18.58
N CYS B 91 17.24 -13.67 -18.37
CA CYS B 91 17.83 -14.75 -19.14
C CYS B 91 17.44 -14.68 -20.61
N ALA B 92 16.20 -14.26 -20.89
CA ALA B 92 15.74 -14.06 -22.26
C ALA B 92 16.60 -13.02 -22.98
N ILE B 93 16.95 -11.94 -22.28
CA ILE B 93 17.81 -10.90 -22.82
C ILE B 93 19.18 -11.48 -23.18
N GLY B 94 19.77 -12.21 -22.22
CA GLY B 94 21.11 -12.76 -22.37
C GLY B 94 21.22 -13.77 -23.50
N LEU B 95 20.23 -14.68 -23.58
CA LEU B 95 20.16 -15.67 -24.64
C LEU B 95 20.01 -15.01 -26.01
N ARG B 96 19.20 -13.95 -26.07
CA ARG B 96 18.93 -13.24 -27.31
C ARG B 96 20.16 -12.52 -27.84
N ARG B 97 20.97 -11.95 -26.94
CA ARG B 97 22.22 -11.32 -27.32
C ARG B 97 23.23 -12.31 -27.90
N LEU B 98 23.12 -13.57 -27.49
CA LEU B 98 23.99 -14.64 -27.97
C LEU B 98 23.38 -15.39 -29.16
N GLY B 99 22.33 -14.81 -29.76
CA GLY B 99 21.73 -15.34 -30.97
C GLY B 99 20.93 -16.63 -30.80
N LYS B 100 20.42 -16.88 -29.59
CA LYS B 100 19.67 -18.09 -29.30
C LYS B 100 18.18 -17.89 -29.58
N ASP B 101 17.49 -19.00 -29.85
CA ASP B 101 16.08 -18.99 -30.22
C ASP B 101 15.20 -19.08 -28.98
N VAL B 102 14.73 -17.92 -28.50
CA VAL B 102 13.81 -17.86 -27.38
C VAL B 102 12.39 -17.77 -27.92
N ARG B 103 11.58 -18.80 -27.66
CA ARG B 103 10.25 -18.92 -28.24
C ARG B 103 9.12 -18.55 -27.28
N PHE B 104 9.39 -18.62 -25.97
CA PHE B 104 8.36 -18.31 -24.98
C PHE B 104 8.98 -17.74 -23.71
N VAL B 105 8.40 -16.62 -23.23
CA VAL B 105 8.75 -16.04 -21.95
C VAL B 105 7.45 -15.84 -21.16
N GLY B 106 7.25 -16.66 -20.12
CA GLY B 106 6.04 -16.64 -19.32
C GLY B 106 6.26 -16.00 -17.96
N LEU B 107 5.67 -14.80 -17.78
CA LEU B 107 5.77 -14.07 -16.52
C LEU B 107 4.48 -14.26 -15.73
N ILE B 108 4.56 -15.01 -14.63
CA ILE B 108 3.40 -15.24 -13.79
C ILE B 108 3.34 -14.13 -12.74
N ASP B 109 2.53 -13.11 -13.07
CA ASP B 109 2.30 -11.93 -12.25
C ASP B 109 3.57 -11.27 -11.71
N ALA B 110 4.64 -11.26 -12.52
CA ALA B 110 5.82 -10.48 -12.21
C ALA B 110 5.57 -9.03 -12.63
N VAL B 111 5.00 -8.23 -11.71
CA VAL B 111 4.45 -6.93 -12.03
C VAL B 111 5.22 -5.80 -11.35
N ARG B 112 5.57 -4.77 -12.14
CA ARG B 112 6.28 -3.62 -11.64
C ARG B 112 5.38 -2.77 -10.73
N ALA B 113 5.98 -2.18 -9.69
CA ALA B 113 5.30 -1.18 -8.88
C ALA B 113 4.67 -0.14 -9.81
N GLY B 114 3.44 0.28 -9.47
CA GLY B 114 2.66 1.17 -10.33
C GLY B 114 3.14 2.63 -10.37
N GLU B 115 4.07 2.99 -9.48
CA GLU B 115 4.69 4.31 -9.51
C GLU B 115 6.19 4.20 -9.29
N GLU B 116 6.91 5.28 -9.64
CA GLU B 116 8.36 5.34 -9.50
C GLU B 116 8.77 5.15 -8.04
N ILE B 117 9.76 4.29 -7.81
CA ILE B 117 10.30 4.06 -6.47
C ILE B 117 11.48 5.02 -6.27
N PRO B 118 11.41 5.96 -5.30
CA PRO B 118 12.55 6.83 -5.01
C PRO B 118 13.83 6.04 -4.72
N GLN B 119 14.95 6.56 -5.23
CA GLN B 119 16.26 5.95 -5.03
C GLN B 119 17.07 6.89 -4.16
N THR B 120 16.56 7.14 -2.94
CA THR B 120 17.15 8.10 -2.01
C THR B 120 17.53 7.44 -0.69
N LYS B 121 18.34 8.15 0.09
CA LYS B 121 18.76 7.71 1.41
C LYS B 121 17.56 7.50 2.33
N GLU B 122 16.58 8.40 2.23
CA GLU B 122 15.39 8.38 3.07
C GLU B 122 14.52 7.14 2.82
N GLU B 123 14.43 6.74 1.55
CA GLU B 123 13.62 5.60 1.15
C GLU B 123 14.21 4.30 1.70
N ILE B 124 15.54 4.25 1.86
CA ILE B 124 16.23 3.11 2.43
C ILE B 124 15.75 2.88 3.87
N ARG B 125 15.67 3.96 4.64
CA ARG B 125 15.24 3.91 6.03
C ARG B 125 13.79 3.46 6.15
N LYS B 126 12.91 4.07 5.34
CA LYS B 126 11.50 3.76 5.35
C LYS B 126 11.26 2.30 4.95
N ARG B 127 11.92 1.88 3.87
CA ARG B 127 11.90 0.50 3.40
C ARG B 127 12.24 -0.48 4.53
N TRP B 128 13.33 -0.22 5.24
CA TRP B 128 13.79 -1.07 6.32
C TRP B 128 12.78 -1.12 7.46
N ASP B 129 12.22 0.05 7.82
CA ASP B 129 11.20 0.15 8.85
C ASP B 129 9.97 -0.70 8.52
N ARG B 130 9.53 -0.66 7.27
CA ARG B 130 8.37 -1.43 6.83
C ARG B 130 8.64 -2.93 6.92
N TYR B 131 9.85 -3.34 6.55
CA TYR B 131 10.23 -4.75 6.63
C TYR B 131 10.27 -5.23 8.08
N ALA B 132 10.81 -4.40 8.97
CA ALA B 132 10.84 -4.71 10.39
C ALA B 132 9.43 -4.92 10.94
N ALA B 133 8.51 -4.03 10.53
CA ALA B 133 7.10 -4.14 10.91
C ALA B 133 6.48 -5.44 10.40
N PHE B 134 6.83 -5.83 9.17
CA PHE B 134 6.40 -7.09 8.59
C PHE B 134 6.90 -8.28 9.40
N ALA B 135 8.18 -8.25 9.80
CA ALA B 135 8.77 -9.31 10.59
C ALA B 135 8.11 -9.43 11.96
N GLU B 136 7.81 -8.28 12.57
CA GLU B 136 7.12 -8.24 13.85
C GLU B 136 5.77 -8.96 13.80
N LYS B 137 4.97 -8.65 12.77
CA LYS B 137 3.65 -9.23 12.62
C LYS B 137 3.76 -10.72 12.31
N THR B 138 4.73 -11.08 11.45
CA THR B 138 4.90 -12.46 11.00
C THR B 138 5.29 -13.41 12.14
N PHE B 139 6.16 -12.93 13.04
CA PHE B 139 6.66 -13.75 14.14
C PHE B 139 6.16 -13.31 15.52
N ASN B 140 5.27 -12.32 15.56
CA ASN B 140 4.68 -11.82 16.79
C ASN B 140 5.73 -11.44 17.83
N VAL B 141 6.76 -10.70 17.39
CA VAL B 141 7.84 -10.24 18.24
C VAL B 141 8.04 -8.74 18.07
N THR B 142 8.81 -8.15 18.99
CA THR B 142 9.16 -6.74 18.95
C THR B 142 10.62 -6.58 18.53
N ILE B 143 10.84 -6.02 17.33
CA ILE B 143 12.16 -5.66 16.85
C ILE B 143 12.50 -4.30 17.45
N PRO B 144 13.69 -4.12 18.08
CA PRO B 144 14.05 -2.82 18.65
C PRO B 144 14.30 -1.75 17.58
N ALA B 145 14.28 -0.49 18.03
CA ALA B 145 14.17 0.64 17.13
C ALA B 145 15.40 0.79 16.24
N ILE B 146 15.15 0.95 14.93
CA ILE B 146 16.21 1.07 13.95
C ILE B 146 17.12 2.28 14.21
N PRO B 147 18.47 2.11 14.21
CA PRO B 147 19.38 3.24 14.40
C PRO B 147 19.24 4.32 13.32
N GLU B 153 24.54 3.09 8.95
CA GLU B 153 23.96 2.57 7.71
C GLU B 153 24.78 1.38 7.21
N LEU B 154 24.34 0.18 7.58
CA LEU B 154 24.95 -1.05 7.10
C LEU B 154 24.42 -1.37 5.70
N ASP B 155 25.08 -2.30 5.02
CA ASP B 155 24.58 -2.80 3.75
C ASP B 155 23.29 -3.59 3.92
N ASP B 156 22.71 -4.03 2.80
CA ASP B 156 21.45 -4.74 2.77
C ASP B 156 21.46 -5.97 3.66
N GLU B 157 22.56 -6.72 3.58
CA GLU B 157 22.77 -7.89 4.43
C GLU B 157 22.71 -7.51 5.91
N GLY B 158 23.36 -6.38 6.26
CA GLY B 158 23.37 -5.89 7.62
C GLY B 158 22.00 -5.45 8.14
N GLN B 159 21.18 -4.89 7.24
CA GLN B 159 19.85 -4.42 7.60
C GLN B 159 18.90 -5.56 7.95
N VAL B 160 18.89 -6.61 7.11
CA VAL B 160 18.06 -7.77 7.37
C VAL B 160 18.59 -8.56 8.57
N ARG B 161 19.92 -8.60 8.72
CA ARG B 161 20.57 -9.30 9.82
C ARG B 161 20.18 -8.72 11.18
N PHE B 162 20.06 -7.38 11.25
CA PHE B 162 19.60 -6.71 12.44
C PHE B 162 18.22 -7.23 12.89
N VAL B 163 17.30 -7.32 11.92
CA VAL B 163 15.94 -7.76 12.17
C VAL B 163 15.91 -9.20 12.64
N LEU B 164 16.62 -10.07 11.91
CA LEU B 164 16.60 -11.51 12.19
C LEU B 164 17.37 -11.88 13.44
N ASP B 165 18.46 -11.14 13.74
CA ASP B 165 19.17 -11.31 14.99
C ASP B 165 18.28 -10.94 16.18
N ALA B 166 17.46 -9.89 16.00
CA ALA B 166 16.54 -9.46 17.03
C ALA B 166 15.47 -10.51 17.30
N VAL B 167 15.01 -11.19 16.25
CA VAL B 167 14.01 -12.23 16.38
C VAL B 167 14.55 -13.38 17.24
N SER B 168 15.72 -13.90 16.88
CA SER B 168 16.32 -15.02 17.59
C SER B 168 16.66 -14.69 19.05
N GLN B 169 17.17 -13.47 19.27
CA GLN B 169 17.60 -13.04 20.60
C GLN B 169 16.41 -12.64 21.49
N SER B 170 15.23 -12.50 20.88
CA SER B 170 14.02 -12.15 21.61
C SER B 170 13.57 -13.24 22.59
N GLY B 171 13.93 -14.50 22.28
CA GLY B 171 13.55 -15.64 23.09
C GLY B 171 12.71 -16.66 22.32
N VAL B 172 12.07 -16.21 21.25
CA VAL B 172 11.24 -17.09 20.42
C VAL B 172 12.12 -18.00 19.58
N GLN B 173 11.55 -19.15 19.19
CA GLN B 173 12.29 -20.19 18.50
C GLN B 173 11.65 -20.45 17.13
N ILE B 174 12.12 -19.71 16.12
CA ILE B 174 11.72 -19.93 14.75
C ILE B 174 12.71 -20.91 14.13
N PRO B 175 12.24 -21.90 13.31
CA PRO B 175 13.16 -22.81 12.63
C PRO B 175 14.17 -22.06 11.75
N ALA B 176 15.40 -22.61 11.70
CA ALA B 176 16.51 -21.98 11.00
C ALA B 176 16.21 -21.78 9.51
N GLY B 177 15.55 -22.77 8.90
CA GLY B 177 15.17 -22.70 7.50
C GLY B 177 14.22 -21.55 7.19
N ILE B 178 13.29 -21.27 8.11
CA ILE B 178 12.34 -20.18 7.95
C ILE B 178 13.06 -18.84 8.05
N ILE B 179 14.02 -18.73 8.97
CA ILE B 179 14.83 -17.53 9.13
C ILE B 179 15.69 -17.27 7.89
N GLU B 180 16.36 -18.32 7.40
CA GLU B 180 17.22 -18.22 6.23
C GLU B 180 16.44 -17.83 4.97
N HIS B 181 15.23 -18.38 4.80
CA HIS B 181 14.37 -18.04 3.67
C HIS B 181 13.92 -16.59 3.78
N GLN B 182 13.76 -16.11 5.01
CA GLN B 182 13.42 -14.72 5.26
C GLN B 182 14.57 -13.80 4.82
N ARG B 183 15.81 -14.22 5.12
CA ARG B 183 17.01 -13.48 4.77
C ARG B 183 17.18 -13.32 3.26
N THR B 184 17.13 -14.45 2.56
CA THR B 184 17.29 -14.47 1.11
C THR B 184 16.11 -13.78 0.41
N SER B 185 14.91 -13.93 0.97
CA SER B 185 13.72 -13.23 0.46
C SER B 185 13.94 -11.72 0.41
N TYR B 186 14.48 -11.17 1.51
CA TYR B 186 14.77 -9.75 1.60
C TYR B 186 15.77 -9.32 0.53
N LEU B 187 16.87 -10.07 0.42
CA LEU B 187 17.95 -9.75 -0.52
C LEU B 187 17.50 -9.87 -1.97
N ASP B 188 16.66 -10.88 -2.26
CA ASP B 188 16.14 -11.07 -3.60
C ASP B 188 15.24 -9.91 -4.03
N ASN B 189 14.40 -9.42 -3.11
CA ASN B 189 13.54 -8.28 -3.38
C ASN B 189 14.32 -6.99 -3.60
N ARG B 190 15.45 -6.84 -2.90
CA ARG B 190 16.36 -5.72 -3.12
C ARG B 190 16.97 -5.77 -4.52
N ALA B 191 17.30 -6.99 -4.97
CA ALA B 191 17.81 -7.19 -6.32
C ALA B 191 16.78 -6.76 -7.37
N ILE B 192 15.50 -7.05 -7.11
CA ILE B 192 14.43 -6.65 -8.01
C ILE B 192 14.38 -5.14 -8.16
N ASP B 193 14.40 -4.42 -7.04
CA ASP B 193 14.18 -2.98 -7.05
C ASP B 193 15.36 -2.19 -7.63
N THR B 194 16.57 -2.79 -7.60
CA THR B 194 17.74 -2.20 -8.21
C THR B 194 18.01 -2.71 -9.63
N ALA B 195 17.10 -3.54 -10.16
CA ALA B 195 17.26 -4.10 -11.49
C ALA B 195 17.28 -3.01 -12.56
N GLN B 196 18.02 -3.28 -13.65
CA GLN B 196 18.06 -2.39 -14.80
C GLN B 196 17.50 -3.15 -16.01
N ILE B 197 16.18 -3.05 -16.19
CA ILE B 197 15.47 -3.84 -17.18
C ILE B 197 15.72 -3.30 -18.58
N GLN B 198 16.09 -4.20 -19.50
CA GLN B 198 16.42 -3.84 -20.87
C GLN B 198 15.27 -4.20 -21.81
N PRO B 199 15.16 -3.58 -23.00
CA PRO B 199 14.13 -3.95 -23.97
C PRO B 199 14.30 -5.38 -24.50
N TYR B 200 13.19 -5.98 -24.94
CA TYR B 200 13.17 -7.33 -25.46
C TYR B 200 12.22 -7.39 -26.67
N ASP B 201 12.73 -7.91 -27.79
CA ASP B 201 11.99 -7.89 -29.05
C ASP B 201 11.18 -9.16 -29.31
N GLY B 202 11.31 -10.16 -28.42
CA GLY B 202 10.58 -11.41 -28.55
C GLY B 202 9.18 -11.35 -27.94
N HIS B 203 8.45 -12.46 -28.04
CA HIS B 203 7.10 -12.56 -27.50
C HIS B 203 7.17 -12.84 -26.00
N VAL B 204 6.47 -12.02 -25.22
CA VAL B 204 6.35 -12.20 -23.78
C VAL B 204 4.89 -12.37 -23.41
N THR B 205 4.60 -13.39 -22.58
CA THR B 205 3.27 -13.63 -22.06
C THR B 205 3.24 -13.26 -20.58
N LEU B 206 2.44 -12.23 -20.24
CA LEU B 206 2.25 -11.82 -18.87
C LEU B 206 0.91 -12.32 -18.34
N TYR B 207 0.96 -13.25 -17.38
CA TYR B 207 -0.22 -13.73 -16.69
C TYR B 207 -0.52 -12.77 -15.53
N MET B 208 -1.61 -12.02 -15.68
CA MET B 208 -1.86 -10.84 -14.86
C MET B 208 -2.97 -11.09 -13.84
N ALA B 209 -2.57 -11.10 -12.55
CA ALA B 209 -3.52 -11.18 -11.45
C ALA B 209 -4.20 -9.82 -11.25
N ASP B 210 -5.19 -9.78 -10.35
CA ASP B 210 -5.95 -8.56 -10.09
C ASP B 210 -5.17 -7.56 -9.26
N ARG B 211 -4.41 -8.06 -8.26
CA ARG B 211 -3.73 -7.19 -7.33
C ARG B 211 -2.62 -7.91 -6.56
N TYR B 212 -1.75 -7.11 -5.94
CA TYR B 212 -0.78 -7.62 -4.99
C TYR B 212 -1.45 -7.89 -3.66
N HIS B 213 -0.94 -8.89 -2.94
CA HIS B 213 -1.39 -9.23 -1.60
C HIS B 213 -0.94 -8.13 -0.63
N ASP B 214 -1.57 -8.09 0.56
CA ASP B 214 -1.37 -7.02 1.52
C ASP B 214 0.06 -6.89 2.03
N ASP B 215 0.73 -8.03 2.26
CA ASP B 215 2.08 -8.02 2.79
C ASP B 215 3.09 -7.45 1.80
N ALA B 216 2.84 -7.66 0.50
CA ALA B 216 3.66 -7.08 -0.55
C ALA B 216 3.52 -5.55 -0.56
N ILE B 217 2.28 -5.07 -0.42
CA ILE B 217 1.99 -3.64 -0.38
C ILE B 217 2.56 -2.99 0.88
N MET B 218 2.49 -3.72 2.01
CA MET B 218 3.08 -3.27 3.25
C MET B 218 4.59 -3.10 3.09
N PHE B 219 5.22 -4.08 2.43
CA PHE B 219 6.64 -4.07 2.15
C PHE B 219 7.04 -2.94 1.20
N GLU B 220 6.26 -2.78 0.12
CA GLU B 220 6.48 -1.73 -0.86
C GLU B 220 5.13 -1.10 -1.24
N PRO B 221 4.78 0.06 -0.65
CA PRO B 221 3.47 0.70 -0.86
C PRO B 221 3.01 0.89 -2.30
N ARG B 222 3.97 1.06 -3.22
CA ARG B 222 3.66 1.38 -4.61
C ARG B 222 3.27 0.15 -5.43
N TYR B 223 3.28 -1.03 -4.78
CA TYR B 223 2.64 -2.21 -5.35
C TYR B 223 1.10 -2.14 -5.23
N ALA B 224 0.60 -1.16 -4.47
CA ALA B 224 -0.83 -0.95 -4.34
C ALA B 224 -1.49 -0.64 -5.69
N VAL B 225 -0.75 0.06 -6.55
CA VAL B 225 -1.22 0.35 -7.90
C VAL B 225 -0.42 -0.48 -8.91
N ARG B 226 -1.12 -0.98 -9.93
CA ARG B 226 -0.48 -1.68 -11.04
C ARG B 226 -1.10 -1.24 -12.35
N GLN B 227 -0.26 -1.12 -13.38
CA GLN B 227 -0.70 -0.73 -14.71
C GLN B 227 -1.29 -1.93 -15.44
N PRO B 228 -2.16 -1.73 -16.46
CA PRO B 228 -2.71 -2.85 -17.24
C PRO B 228 -1.67 -3.79 -17.84
N ASP B 229 -0.52 -3.23 -18.25
CA ASP B 229 0.56 -4.00 -18.85
C ASP B 229 1.60 -4.48 -17.86
N GLY B 230 1.42 -4.12 -16.58
CA GLY B 230 2.37 -4.46 -15.53
C GLY B 230 3.73 -3.78 -15.64
N GLY B 231 3.78 -2.69 -16.43
CA GLY B 231 5.01 -1.96 -16.68
C GLY B 231 5.86 -2.44 -17.85
N TRP B 232 5.45 -3.55 -18.49
CA TRP B 232 6.28 -4.22 -19.48
C TRP B 232 6.19 -3.64 -20.89
N GLY B 233 5.07 -2.97 -21.19
CA GLY B 233 4.85 -2.39 -22.51
C GLY B 233 5.97 -1.47 -22.99
N GLU B 234 6.55 -0.71 -22.05
CA GLU B 234 7.70 0.13 -22.29
C GLU B 234 8.89 -0.64 -22.88
N TYR B 235 9.08 -1.88 -22.39
CA TYR B 235 10.24 -2.68 -22.73
C TYR B 235 9.97 -3.77 -23.77
N VAL B 236 8.69 -4.07 -24.00
CA VAL B 236 8.29 -5.20 -24.84
C VAL B 236 7.19 -4.75 -25.81
N SER B 237 7.52 -4.70 -27.09
CA SER B 237 6.57 -4.31 -28.11
C SER B 237 5.60 -5.44 -28.47
N ASP B 238 6.04 -6.69 -28.23
CA ASP B 238 5.23 -7.87 -28.49
C ASP B 238 4.81 -8.51 -27.17
N LEU B 239 3.77 -7.94 -26.55
CA LEU B 239 3.32 -8.33 -25.21
C LEU B 239 1.90 -8.87 -25.25
N GLU B 240 1.70 -10.02 -24.60
CA GLU B 240 0.39 -10.64 -24.46
C GLU B 240 0.01 -10.69 -22.97
N VAL B 241 -1.04 -9.96 -22.60
CA VAL B 241 -1.52 -9.93 -21.23
C VAL B 241 -2.72 -10.87 -21.08
N VAL B 242 -2.57 -11.87 -20.21
CA VAL B 242 -3.61 -12.86 -19.94
C VAL B 242 -4.15 -12.67 -18.53
N PRO B 243 -5.41 -12.23 -18.33
CA PRO B 243 -5.98 -12.11 -16.99
C PRO B 243 -6.16 -13.46 -16.31
N ILE B 244 -5.71 -13.57 -15.05
CA ILE B 244 -5.91 -14.77 -14.25
C ILE B 244 -6.64 -14.52 -12.93
N GLY B 245 -6.89 -13.25 -12.62
CA GLY B 245 -7.58 -12.87 -11.39
C GLY B 245 -6.77 -13.12 -10.12
N GLY B 246 -7.41 -12.91 -8.96
CA GLY B 246 -6.85 -13.26 -7.67
C GLY B 246 -5.69 -12.36 -7.23
N GLU B 247 -4.99 -12.81 -6.18
CA GLU B 247 -3.85 -12.09 -5.63
C GLU B 247 -2.54 -12.71 -6.10
N HIS B 248 -1.49 -11.89 -6.09
CA HIS B 248 -0.16 -12.28 -6.54
C HIS B 248 0.28 -13.59 -5.89
N ILE B 249 0.11 -13.68 -4.57
CA ILE B 249 0.55 -14.83 -3.79
C ILE B 249 -0.17 -16.13 -4.19
N GLN B 250 -1.42 -16.00 -4.67
CA GLN B 250 -2.24 -17.15 -5.05
C GLN B 250 -2.02 -17.62 -6.48
N ALA B 251 -1.27 -16.83 -7.28
CA ALA B 251 -1.13 -17.10 -8.71
C ALA B 251 -0.42 -18.41 -9.02
N ILE B 252 0.43 -18.88 -8.10
CA ILE B 252 1.24 -20.07 -8.31
C ILE B 252 0.54 -21.38 -7.96
N ASP B 253 -0.60 -21.29 -7.23
CA ASP B 253 -1.32 -22.45 -6.76
C ASP B 253 -2.66 -22.66 -7.49
N GLU B 254 -3.28 -23.81 -7.23
CA GLU B 254 -4.64 -24.08 -7.64
C GLU B 254 -5.58 -23.16 -6.85
N PRO B 255 -6.71 -22.67 -7.42
CA PRO B 255 -7.11 -23.00 -8.79
C PRO B 255 -6.55 -22.09 -9.89
N ILE B 256 -5.92 -20.97 -9.49
CA ILE B 256 -5.50 -19.94 -10.43
C ILE B 256 -4.49 -20.45 -11.46
N ILE B 257 -3.62 -21.38 -11.04
CA ILE B 257 -2.58 -21.91 -11.91
C ILE B 257 -3.15 -22.72 -13.08
N ALA B 258 -4.40 -23.18 -12.95
CA ALA B 258 -5.09 -23.86 -14.03
C ALA B 258 -5.22 -22.98 -15.28
N LYS B 259 -5.55 -21.71 -15.07
CA LYS B 259 -5.67 -20.75 -16.16
C LYS B 259 -4.33 -20.52 -16.84
N VAL B 260 -3.25 -20.44 -16.05
CA VAL B 260 -1.90 -20.30 -16.58
C VAL B 260 -1.53 -21.53 -17.41
N GLY B 261 -1.73 -22.72 -16.83
CA GLY B 261 -1.38 -23.97 -17.46
C GLY B 261 -2.15 -24.27 -18.74
N GLU B 262 -3.42 -23.87 -18.78
CA GLU B 262 -4.26 -24.10 -19.96
C GLU B 262 -3.72 -23.28 -21.14
N HIS B 263 -3.46 -21.98 -20.88
CA HIS B 263 -2.94 -21.08 -21.89
C HIS B 263 -1.55 -21.52 -22.33
N MET B 264 -0.70 -21.88 -21.35
CA MET B 264 0.69 -22.22 -21.62
C MET B 264 0.79 -23.53 -22.39
N SER B 265 -0.12 -24.47 -22.11
CA SER B 265 -0.18 -25.73 -22.84
C SER B 265 -0.40 -25.55 -24.33
N ARG B 266 -1.29 -24.62 -24.69
CA ARG B 266 -1.54 -24.28 -26.09
C ARG B 266 -0.31 -23.67 -26.75
N ALA B 267 0.38 -22.78 -26.01
CA ALA B 267 1.59 -22.16 -26.50
C ALA B 267 2.68 -23.20 -26.78
N LEU B 268 2.85 -24.13 -25.85
CA LEU B 268 3.81 -25.22 -26.01
C LEU B 268 3.43 -26.12 -27.18
N GLY B 269 2.12 -26.38 -27.34
CA GLY B 269 1.62 -27.15 -28.46
C GLY B 269 2.04 -26.58 -29.81
N GLN B 270 1.91 -25.25 -29.97
CA GLN B 270 2.30 -24.56 -31.19
C GLN B 270 3.79 -24.69 -31.46
N ILE B 271 4.60 -24.59 -30.39
CA ILE B 271 6.05 -24.72 -30.50
C ILE B 271 6.46 -26.10 -31.00
N GLU B 272 5.79 -27.14 -30.48
CA GLU B 272 6.08 -28.51 -30.88
C GLU B 272 5.80 -28.79 -32.36
N ALA B 273 4.82 -28.08 -32.93
CA ALA B 273 4.46 -28.24 -34.33
C ALA B 273 5.48 -27.63 -35.29
N ASP B 274 6.35 -26.76 -34.76
CA ASP B 274 7.32 -26.02 -35.56
C ASP B 274 8.75 -26.48 -35.24
N ARG B 275 8.97 -27.80 -35.36
CA ARG B 275 10.28 -28.40 -35.17
C ARG B 275 10.54 -29.44 -36.26
C10 JS9 C . -0.78 12.46 7.60
C13 JS9 C . -3.24 11.45 8.43
C15 JS9 C . -5.42 10.21 7.83
C17 JS9 C . -6.71 8.60 9.19
C21 JS9 C . -8.60 7.30 10.44
C22 JS9 C . -9.98 7.11 10.54
C24 JS9 C . -9.54 5.34 12.10
C26 JS9 C . -7.74 6.50 11.20
C28 JS9 C . -11.11 3.39 12.82
C01 JS9 C . -1.69 16.38 8.85
O02 JS9 C . -0.80 15.50 9.50
C03 JS9 C . 0.57 15.84 9.40
C04 JS9 C . 1.36 14.74 10.17
C05 JS9 C . 1.35 13.27 9.65
N06 JS9 C . 1.64 13.31 8.20
C07 JS9 C . 2.96 13.78 7.77
C08 JS9 C . 0.62 12.97 7.19
O09 JS9 C . 0.91 13.05 6.03
C11 JS9 C . -1.96 13.11 7.22
C12 JS9 C . -3.19 12.60 7.64
C14 JS9 C . -4.58 10.88 8.93
N16 JS9 C . -6.65 9.68 8.44
C18 JS9 C . -8.04 8.41 9.53
N19 JS9 C . -8.75 9.39 8.99
N20 JS9 C . -7.89 10.20 8.29
C23 JS9 C . -10.45 6.12 11.40
N25 JS9 C . -8.22 5.55 11.99
C27 JS9 C . -10.04 4.26 13.08
O29 JS9 C . -11.77 3.45 11.56
C30 JS9 C . -12.75 2.47 11.27
C31 JS9 C . -11.50 2.47 13.82
C32 JS9 C . -10.84 2.43 15.05
C33 JS9 C . -9.78 3.31 15.32
O34 JS9 C . -9.12 3.27 16.57
C35 JS9 C . -7.71 3.47 16.57
C36 JS9 C . -9.40 4.22 14.33
C37 JS9 C . -2.06 10.81 8.80
C38 JS9 C . -0.83 11.30 8.39
C39 JS9 C . 2.69 15.19 10.79
C40 JS9 C . 1.48 14.95 11.69
S SO4 D . 8.50 34.40 10.64
O1 SO4 D . 7.56 33.88 11.59
O2 SO4 D . 9.75 33.70 10.76
O3 SO4 D . 7.98 34.23 9.31
O4 SO4 D . 8.72 35.80 10.89
S SO4 E . -10.84 -1.70 18.68
O1 SO4 E . -11.85 -0.73 18.35
O2 SO4 E . -11.43 -2.76 19.45
O3 SO4 E . -10.27 -2.24 17.47
O4 SO4 E . -9.81 -1.07 19.45
C10 JS9 F . 6.53 -9.88 -1.39
C13 JS9 F . 7.33 -9.69 -4.06
C15 JS9 F . 6.65 -9.18 -6.47
C17 JS9 F . 7.67 -7.80 -8.25
C21 JS9 F . 8.74 -6.96 -10.48
C22 JS9 F . 8.99 -7.28 -11.82
C24 JS9 F . 9.87 -5.05 -12.09
C26 JS9 F . 9.08 -5.69 -10.00
C28 JS9 F . 10.15 -3.73 -14.30
C01 JS9 F . 8.54 -13.21 -0.61
O02 JS9 F . 9.10 -11.99 -0.14
C03 JS9 F . 8.87 -11.74 1.23
C04 JS9 F . 9.29 -10.27 1.52
C05 JS9 F . 8.37 -9.13 1.01
N06 JS9 F . 6.97 -9.56 1.20
C07 JS9 F . 6.45 -9.67 2.58
C08 JS9 F . 6.09 -9.95 0.08
O09 JS9 F . 5.00 -10.30 0.35
C11 JS9 F . 6.90 -8.63 -1.93
C12 JS9 F . 7.31 -8.54 -3.26
C14 JS9 F . 7.79 -9.59 -5.53
N16 JS9 F . 7.22 -8.95 -7.80
C18 JS9 F . 8.11 -8.01 -9.55
N19 JS9 F . 7.94 -9.30 -9.85
N20 JS9 F . 7.37 -9.89 -8.76
C23 JS9 F . 9.57 -6.31 -12.63
N25 JS9 F . 9.62 -4.78 -10.81
C27 JS9 F . 10.52 -3.96 -12.97
O29 JS9 F . 9.13 -4.53 -14.90
C30 JS9 F . 8.32 -3.95 -15.92
C31 JS9 F . 10.80 -2.72 -15.03
C32 JS9 F . 11.81 -1.96 -14.43
C33 JS9 F . 12.19 -2.18 -13.11
O34 JS9 F . 13.20 -1.37 -12.55
C35 JS9 F . 13.76 -1.73 -11.29
C36 JS9 F . 11.53 -3.19 -12.37
C37 JS9 F . 6.95 -10.94 -3.52
C38 JS9 F . 6.55 -11.02 -2.19
C39 JS9 F . 9.90 -10.03 2.90
C40 JS9 F . 10.78 -9.96 1.66
S SO4 G . 17.96 -30.27 -2.16
O1 SO4 G . 17.18 -31.07 -3.06
O2 SO4 G . 17.95 -30.88 -0.86
O3 SO4 G . 17.39 -28.95 -2.07
O4 SO4 G . 19.31 -30.18 -2.64
S SO4 H . 15.11 9.54 -7.33
O1 SO4 H . 14.16 9.81 -6.29
O2 SO4 H . 14.68 8.41 -8.10
O3 SO4 H . 16.40 9.26 -6.74
O4 SO4 H . 15.22 10.69 -8.19
#